data_7OWX
#
_entry.id   7OWX
#
_cell.length_a   45.140
_cell.length_b   45.540
_cell.length_c   47.900
_cell.angle_alpha   90.000
_cell.angle_beta   90.000
_cell.angle_gamma   90.000
#
_symmetry.space_group_name_H-M   'P 21 21 21'
#
loop_
_entity.id
_entity.type
_entity.pdbx_description
1 polymer 'Spike protein S2'
2 non-polymer 1,2-ETHANEDIOL
3 non-polymer 'ZINC ION'
4 water water
#
_entity_poly.entity_id   1
_entity_poly.type   'polypeptide(L)'
_entity_poly.pdbx_seq_one_letter_code
;YNIQKEIDRLNEVAKNLNESLIDLQEL
;
_entity_poly.pdbx_strand_id   A,B,C,D
#
# COMPACT_ATOMS: atom_id res chain seq x y z
C TYR A 1 -18.73 -1.67 -11.77
N ASN A 2 -18.15 -0.76 -12.55
CA ASN A 2 -16.99 -1.03 -13.42
C ASN A 2 -15.76 -1.48 -12.62
N ILE A 3 -15.35 -0.70 -11.61
CA ILE A 3 -14.08 -0.98 -10.90
C ILE A 3 -14.33 -1.07 -9.39
N GLN A 4 -15.57 -1.26 -8.98
CA GLN A 4 -15.88 -1.39 -7.56
C GLN A 4 -15.09 -2.52 -6.92
N LYS A 5 -14.90 -3.63 -7.62
CA LYS A 5 -14.15 -4.74 -7.03
C LYS A 5 -12.69 -4.37 -6.81
N GLU A 6 -12.08 -3.64 -7.74
CA GLU A 6 -10.71 -3.18 -7.53
C GLU A 6 -10.67 -2.14 -6.42
N ILE A 7 -11.65 -1.24 -6.36
CA ILE A 7 -11.72 -0.28 -5.27
C ILE A 7 -11.84 -1.02 -3.94
N ASP A 8 -12.75 -2.01 -3.87
CA ASP A 8 -12.93 -2.75 -2.63
C ASP A 8 -11.64 -3.40 -2.20
N ARG A 9 -10.92 -4.00 -3.15
CA ARG A 9 -9.67 -4.67 -2.84
C ARG A 9 -8.60 -3.67 -2.38
N LEU A 10 -8.49 -2.54 -3.08
CA LEU A 10 -7.52 -1.53 -2.69
C LEU A 10 -7.85 -0.96 -1.32
N ASN A 11 -9.12 -0.88 -0.96
N ASN A 11 -9.13 -0.89 -0.96
CA ASN A 11 -9.49 -0.42 0.38
CA ASN A 11 -9.50 -0.43 0.38
C ASN A 11 -8.91 -1.35 1.44
C ASN A 11 -8.93 -1.35 1.44
N GLU A 12 -9.07 -2.67 1.24
CA GLU A 12 -8.50 -3.65 2.18
C GLU A 12 -6.97 -3.56 2.20
N VAL A 13 -6.35 -3.35 1.04
CA VAL A 13 -4.91 -3.08 1.00
C VAL A 13 -4.56 -1.91 1.90
N ALA A 14 -5.30 -0.80 1.77
CA ALA A 14 -4.99 0.39 2.56
C ALA A 14 -5.16 0.13 4.05
N LYS A 15 -6.22 -0.58 4.42
CA LYS A 15 -6.48 -0.87 5.82
C LYS A 15 -5.37 -1.72 6.42
N ASN A 16 -4.89 -2.70 5.67
CA ASN A 16 -3.84 -3.57 6.17
C ASN A 16 -2.51 -2.83 6.22
N LEU A 17 -2.25 -1.96 5.23
CA LEU A 17 -1.05 -1.14 5.29
C LEU A 17 -1.08 -0.21 6.50
N ASN A 18 -2.23 0.45 6.72
CA ASN A 18 -2.33 1.33 7.88
C ASN A 18 -2.12 0.56 9.18
N GLU A 19 -2.70 -0.65 9.29
CA GLU A 19 -2.60 -1.41 10.52
C GLU A 19 -1.15 -1.82 10.78
N SER A 20 -0.42 -2.22 9.73
CA SER A 20 0.99 -2.53 9.89
C SER A 20 1.78 -1.31 10.34
N LEU A 21 1.49 -0.14 9.74
CA LEU A 21 2.15 1.10 10.16
C LEU A 21 1.92 1.40 11.63
N ILE A 22 0.66 1.25 12.07
CA ILE A 22 0.35 1.56 13.46
C ILE A 22 0.99 0.53 14.38
N ASP A 23 0.98 -0.75 13.96
CA ASP A 23 1.53 -1.82 14.79
C ASP A 23 3.04 -1.67 14.95
N LEU A 24 3.71 -1.21 13.90
CA LEU A 24 5.14 -0.95 13.99
C LEU A 24 5.47 0.18 14.96
N GLN A 25 4.54 1.11 15.18
CA GLN A 25 4.80 2.24 16.08
C GLN A 25 4.19 2.10 17.47
N GLU A 26 3.16 1.26 17.64
CA GLU A 26 2.45 1.20 18.91
C GLU A 26 2.61 -0.12 19.66
N LEU A 27 3.09 -1.17 19.01
N LEU A 27 3.11 -1.17 19.01
CA LEU A 27 3.30 -2.46 19.67
CA LEU A 27 3.36 -2.44 19.68
C LEU A 27 4.78 -2.69 19.98
C LEU A 27 4.85 -2.65 19.96
N TYR B 1 6.97 -4.67 18.79
CA TYR B 1 6.27 -5.30 17.68
C TYR B 1 6.96 -6.59 17.30
N ASN B 2 6.31 -7.39 16.47
CA ASN B 2 6.88 -8.60 15.91
C ASN B 2 7.17 -8.34 14.44
N ILE B 3 8.45 -8.22 14.09
CA ILE B 3 8.77 -7.79 12.74
C ILE B 3 8.32 -8.81 11.71
N GLN B 4 8.34 -10.10 12.06
CA GLN B 4 7.90 -11.11 11.10
C GLN B 4 6.40 -10.98 10.81
N LYS B 5 5.62 -10.68 11.82
CA LYS B 5 4.16 -10.54 11.62
C LYS B 5 3.91 -9.37 10.67
N GLU B 6 4.62 -8.27 10.86
CA GLU B 6 4.41 -7.12 9.98
C GLU B 6 4.98 -7.37 8.59
N ILE B 7 6.12 -8.07 8.49
CA ILE B 7 6.64 -8.39 7.16
C ILE B 7 5.66 -9.30 6.41
N ASP B 8 5.06 -10.27 7.13
CA ASP B 8 4.05 -11.14 6.53
C ASP B 8 2.88 -10.34 5.97
N ARG B 9 2.31 -9.45 6.79
CA ARG B 9 1.18 -8.66 6.31
C ARG B 9 1.60 -7.74 5.16
N LEU B 10 2.74 -7.07 5.29
CA LEU B 10 3.17 -6.16 4.23
C LEU B 10 3.46 -6.90 2.93
N ASN B 11 3.95 -8.14 3.03
CA ASN B 11 4.07 -8.98 1.84
C ASN B 11 2.71 -9.21 1.17
N GLU B 12 1.68 -9.44 1.98
CA GLU B 12 0.34 -9.66 1.43
C GLU B 12 -0.24 -8.36 0.88
N VAL B 13 0.03 -7.24 1.55
CA VAL B 13 -0.30 -5.92 0.99
C VAL B 13 0.31 -5.76 -0.39
N ALA B 14 1.60 -6.05 -0.52
CA ALA B 14 2.28 -5.89 -1.80
C ALA B 14 1.67 -6.78 -2.88
N LYS B 15 1.44 -8.06 -2.54
CA LYS B 15 0.83 -8.99 -3.49
C LYS B 15 -0.54 -8.51 -3.96
N ASN B 16 -1.38 -8.05 -3.03
CA ASN B 16 -2.73 -7.64 -3.40
C ASN B 16 -2.72 -6.33 -4.16
N LEU B 17 -1.84 -5.40 -3.80
CA LEU B 17 -1.64 -4.19 -4.59
C LEU B 17 -1.26 -4.54 -6.03
N ASN B 18 -0.32 -5.47 -6.18
CA ASN B 18 0.16 -5.85 -7.51
C ASN B 18 -0.98 -6.40 -8.37
N GLU B 19 -1.82 -7.27 -7.80
CA GLU B 19 -2.90 -7.85 -8.59
C GLU B 19 -3.97 -6.82 -8.92
N SER B 20 -4.22 -5.86 -8.02
CA SER B 20 -5.12 -4.76 -8.33
C SER B 20 -4.55 -3.89 -9.44
N LEU B 21 -3.25 -3.62 -9.38
CA LEU B 21 -2.62 -2.80 -10.41
C LEU B 21 -2.71 -3.46 -11.77
N ILE B 22 -2.45 -4.77 -11.84
CA ILE B 22 -2.54 -5.49 -13.10
C ILE B 22 -3.96 -5.45 -13.64
N ASP B 23 -4.95 -5.74 -12.78
CA ASP B 23 -6.35 -5.64 -13.18
C ASP B 23 -6.65 -4.28 -13.80
N LEU B 24 -6.22 -3.20 -13.14
CA LEU B 24 -6.44 -1.87 -13.69
C LEU B 24 -5.76 -1.71 -15.03
N GLN B 25 -4.55 -2.27 -15.18
CA GLN B 25 -3.80 -2.09 -16.41
C GLN B 25 -4.43 -2.81 -17.60
N GLU B 26 -5.27 -3.81 -17.37
CA GLU B 26 -5.87 -4.54 -18.48
C GLU B 26 -7.23 -4.01 -18.88
N LEU B 27 -7.65 -2.86 -18.37
CA LEU B 27 -8.90 -2.23 -18.77
C LEU B 27 -8.74 -1.51 -20.11
N TYR C 1 -13.45 9.24 -12.28
CA TYR C 1 -12.07 8.82 -12.03
C TYR C 1 -11.22 8.84 -13.31
N ASN C 2 -9.92 8.64 -13.15
CA ASN C 2 -8.99 8.60 -14.28
C ASN C 2 -8.08 7.37 -14.12
N ILE C 3 -8.37 6.31 -14.88
CA ILE C 3 -7.63 5.04 -14.69
C ILE C 3 -6.13 5.22 -14.97
N GLN C 4 -5.76 5.91 -16.05
CA GLN C 4 -4.32 5.99 -16.35
C GLN C 4 -3.61 6.83 -15.30
N LYS C 5 -4.29 7.82 -14.75
CA LYS C 5 -3.75 8.59 -13.65
C LYS C 5 -3.44 7.70 -12.45
N GLU C 6 -4.37 6.81 -12.10
CA GLU C 6 -4.20 6.02 -10.89
C GLU C 6 -3.25 4.85 -11.10
N ILE C 7 -3.18 4.30 -12.32
CA ILE C 7 -2.17 3.29 -12.62
C ILE C 7 -0.77 3.84 -12.38
N ASP C 8 -0.51 5.05 -12.89
CA ASP C 8 0.80 5.67 -12.69
C ASP C 8 1.10 5.88 -11.21
N ARG C 9 0.11 6.33 -10.43
CA ARG C 9 0.41 6.58 -9.03
C ARG C 9 0.50 5.28 -8.25
N LEU C 10 -0.42 4.35 -8.47
CA LEU C 10 -0.35 3.06 -7.79
C LEU C 10 0.94 2.34 -8.15
N ASN C 11 1.44 2.55 -9.36
CA ASN C 11 2.73 1.94 -9.68
C ASN C 11 3.84 2.53 -8.81
N GLU C 12 3.77 3.84 -8.53
CA GLU C 12 4.71 4.45 -7.58
C GLU C 12 4.54 3.89 -6.18
N VAL C 13 3.29 3.78 -5.72
CA VAL C 13 3.00 3.15 -4.43
C VAL C 13 3.67 1.78 -4.36
N ALA C 14 3.49 0.96 -5.41
CA ALA C 14 4.05 -0.38 -5.42
C ALA C 14 5.57 -0.35 -5.28
N LYS C 15 6.22 0.50 -6.07
CA LYS C 15 7.68 0.56 -6.08
C LYS C 15 8.23 0.99 -4.72
N ASN C 16 7.56 1.97 -4.12
CA ASN C 16 7.99 2.52 -2.81
C ASN C 16 7.69 1.51 -1.70
N LEU C 17 6.52 0.90 -1.73
CA LEU C 17 6.22 -0.14 -0.77
C LEU C 17 7.26 -1.24 -0.81
N ASN C 18 7.56 -1.73 -2.00
CA ASN C 18 8.55 -2.83 -2.17
C ASN C 18 9.91 -2.39 -1.63
N GLU C 19 10.33 -1.18 -1.96
CA GLU C 19 11.65 -0.73 -1.50
C GLU C 19 11.76 -0.77 0.02
N SER C 20 10.80 -0.17 0.72
CA SER C 20 10.83 -0.20 2.18
C SER C 20 10.58 -1.60 2.73
N LEU C 21 9.73 -2.40 2.08
CA LEU C 21 9.49 -3.75 2.57
C LEU C 21 10.77 -4.59 2.51
N ILE C 22 11.49 -4.49 1.41
CA ILE C 22 12.74 -5.23 1.25
C ILE C 22 13.77 -4.72 2.27
N ASP C 23 13.79 -3.42 2.51
CA ASP C 23 14.66 -2.85 3.54
C ASP C 23 14.35 -3.43 4.92
N LEU C 24 13.06 -3.60 5.24
CA LEU C 24 12.69 -4.22 6.51
C LEU C 24 13.22 -5.63 6.63
N GLN C 25 13.20 -6.37 5.53
CA GLN C 25 13.56 -7.79 5.56
C GLN C 25 15.06 -8.03 5.71
N GLU C 26 15.90 -7.05 5.42
CA GLU C 26 17.34 -7.26 5.53
C GLU C 26 17.94 -6.53 6.72
N LEU C 27 17.11 -6.15 7.69
CA LEU C 27 17.61 -5.73 9.00
C LEU C 27 16.97 -6.60 10.07
N TYR D 1 16.91 -2.45 13.54
CA TYR D 1 16.90 -1.79 14.84
C TYR D 1 16.09 -0.50 14.79
N ASN D 2 16.71 0.53 14.22
CA ASN D 2 16.00 1.77 13.93
C ASN D 2 15.29 1.63 12.59
N ILE D 3 13.96 1.68 12.58
CA ILE D 3 13.22 1.60 11.33
C ILE D 3 12.57 2.94 10.99
N GLN D 4 13.04 4.04 11.60
CA GLN D 4 12.42 5.34 11.37
C GLN D 4 12.30 5.67 9.89
N LYS D 5 13.34 5.38 9.10
CA LYS D 5 13.31 5.68 7.67
C LYS D 5 12.20 4.91 6.94
N GLU D 6 12.03 3.63 7.26
CA GLU D 6 10.95 2.86 6.64
C GLU D 6 9.57 3.35 7.11
N ILE D 7 9.46 3.76 8.37
CA ILE D 7 8.18 4.26 8.86
C ILE D 7 7.82 5.56 8.14
N ASP D 8 8.78 6.48 8.05
CA ASP D 8 8.55 7.73 7.33
C ASP D 8 8.15 7.46 5.89
N ARG D 9 8.84 6.54 5.22
CA ARG D 9 8.56 6.33 3.80
C ARG D 9 7.24 5.61 3.59
N LEU D 10 6.93 4.64 4.46
CA LEU D 10 5.67 3.91 4.32
C LEU D 10 4.49 4.82 4.66
N ASN D 11 4.67 5.78 5.57
CA ASN D 11 3.63 6.78 5.78
C ASN D 11 3.32 7.54 4.49
N GLU D 12 4.35 7.91 3.72
CA GLU D 12 4.10 8.59 2.45
C GLU D 12 3.42 7.65 1.46
N VAL D 13 3.86 6.39 1.41
CA VAL D 13 3.18 5.39 0.58
C VAL D 13 1.69 5.34 0.92
N ALA D 14 1.38 5.28 2.22
CA ALA D 14 -0.02 5.23 2.67
C ALA D 14 -0.79 6.46 2.25
N LYS D 15 -0.18 7.64 2.37
CA LYS D 15 -0.85 8.87 1.96
C LYS D 15 -1.18 8.85 0.47
N ASN D 16 -0.24 8.36 -0.35
CA ASN D 16 -0.48 8.31 -1.79
C ASN D 16 -1.54 7.28 -2.14
N LEU D 17 -1.51 6.13 -1.49
CA LEU D 17 -2.54 5.12 -1.67
C LEU D 17 -3.91 5.66 -1.27
N ASN D 18 -3.98 6.33 -0.13
N ASN D 18 -3.99 6.34 -0.12
CA ASN D 18 -5.26 6.87 0.34
CA ASN D 18 -5.26 6.87 0.34
C ASN D 18 -5.83 7.89 -0.66
C ASN D 18 -5.83 7.89 -0.65
N GLU D 19 -4.97 8.72 -1.26
CA GLU D 19 -5.46 9.69 -2.23
C GLU D 19 -5.89 9.01 -3.53
N SER D 20 -5.23 7.91 -3.90
N SER D 20 -5.22 7.93 -3.91
CA SER D 20 -5.67 7.15 -5.06
CA SER D 20 -5.69 7.16 -5.06
C SER D 20 -7.07 6.58 -4.82
C SER D 20 -7.09 6.60 -4.80
N LEU D 21 -7.31 6.04 -3.62
CA LEU D 21 -8.63 5.53 -3.28
C LEU D 21 -9.70 6.62 -3.38
N ILE D 22 -9.41 7.80 -2.83
CA ILE D 22 -10.34 8.93 -2.93
C ILE D 22 -10.58 9.30 -4.39
N ASP D 23 -9.53 9.35 -5.18
CA ASP D 23 -9.66 9.82 -6.56
C ASP D 23 -10.36 8.77 -7.45
N LEU D 24 -10.17 7.48 -7.12
CA LEU D 24 -10.86 6.41 -7.86
C LEU D 24 -12.36 6.44 -7.65
N GLN D 25 -12.82 6.94 -6.50
CA GLN D 25 -14.24 7.02 -6.21
C GLN D 25 -14.85 8.36 -6.59
N GLU D 26 -14.05 9.24 -7.19
CA GLU D 26 -14.54 10.53 -7.64
C GLU D 26 -15.32 10.41 -8.94
N LEU D 27 -16.22 11.38 -9.13
CA LEU D 27 -16.99 11.57 -10.36
C LEU D 27 -17.78 10.33 -10.75
#